data_9K7O
#
_entry.id   9K7O
#
_cell.length_a   71.849
_cell.length_b   71.849
_cell.length_c   225.802
_cell.angle_alpha   90.00
_cell.angle_beta   90.00
_cell.angle_gamma   120.00
#
_symmetry.space_group_name_H-M   'P 61'
#
loop_
_entity.id
_entity.type
_entity.pdbx_description
1 polymer 'Glycoside hydrolase 131 catalytic N-terminal domain-containing protein'
2 non-polymer DI(HYDROXYETHYL)ETHER
3 water water
#
_entity_poly.entity_id   1
_entity_poly.type   'polypeptide(L)'
_entity_poly.pdbx_seq_one_letter_code
;MGKVLWDGRAPRNYTSFHLDASVDPYLTVVKGPRAASIYTRLLGREVTPTPLWNDRLFPEVPYPAVSTEQALLVLIGNSS
VFTPGSSGRPQTGFRRTELIAQVNGSNIDLIPIIGKGRVAFHFSVLMDEWHKLDMIHEHQLVFVEPSDGSHVFTLQVGSP
FTNPTGPLPAPRADWLKILNHNLDVLFETEFTDETWHNFAVIVDWEKRTLQVWYSQNENNLVWVTPVLPNETVKRGTAGR
GDFHFGILKLPLVNVADPPEVRDDVVHYGIQPPTTHGIMYSGVFIEDLEDGLSVGNKFIQEVAAALEHHHHHH
;
_entity_poly.pdbx_strand_id   A,B
#
# COMPACT_ATOMS: atom_id res chain seq x y z
N GLY A 2 8.49 2.94 -6.01
CA GLY A 2 8.03 1.95 -7.00
C GLY A 2 6.81 1.21 -6.50
N LYS A 3 6.15 0.48 -7.40
CA LYS A 3 5.07 -0.39 -6.97
C LYS A 3 5.69 -1.66 -6.40
N VAL A 4 5.11 -2.17 -5.29
CA VAL A 4 5.62 -3.38 -4.67
C VAL A 4 5.16 -4.57 -5.52
N LEU A 5 6.11 -5.40 -5.94
CA LEU A 5 5.80 -6.56 -6.76
C LEU A 5 5.59 -7.78 -5.87
N TRP A 6 6.31 -7.81 -4.72
CA TRP A 6 6.23 -8.90 -3.76
C TRP A 6 6.76 -8.35 -2.44
N ASP A 7 6.08 -8.62 -1.34
CA ASP A 7 6.49 -8.08 -0.06
C ASP A 7 6.78 -9.22 0.92
N GLY A 8 8.08 -9.44 1.18
CA GLY A 8 8.50 -10.38 2.20
C GLY A 8 8.74 -9.77 3.57
N ARG A 9 8.21 -8.57 3.83
CA ARG A 9 8.21 -8.02 5.18
C ARG A 9 7.10 -8.72 5.98
N ALA A 10 7.50 -9.58 6.91
CA ALA A 10 6.54 -10.40 7.64
C ALA A 10 5.54 -9.50 8.37
N PRO A 11 4.22 -9.66 8.12
CA PRO A 11 3.22 -8.95 8.89
C PRO A 11 3.37 -9.25 10.38
N ARG A 12 2.95 -8.28 11.19
CA ARG A 12 2.99 -8.43 12.63
C ARG A 12 2.11 -9.59 13.09
N ASN A 13 1.11 -10.02 12.29
CA ASN A 13 0.23 -11.11 12.70
C ASN A 13 0.65 -12.43 12.06
N TYR A 14 1.82 -12.49 11.38
CA TYR A 14 2.31 -13.73 10.80
C TYR A 14 2.72 -14.68 11.93
N THR A 15 2.58 -15.98 11.69
CA THR A 15 2.82 -17.00 12.70
C THR A 15 3.63 -18.15 12.10
N SER A 16 4.23 -18.95 12.99
CA SER A 16 4.78 -20.24 12.67
C SER A 16 3.86 -21.08 11.80
N PHE A 17 2.53 -20.95 12.00
CA PHE A 17 1.57 -21.80 11.30
C PHE A 17 1.48 -21.41 9.84
N HIS A 18 1.65 -20.12 9.55
CA HIS A 18 1.72 -19.68 8.17
C HIS A 18 2.94 -20.31 7.53
N LEU A 19 4.07 -20.26 8.26
CA LEU A 19 5.32 -20.80 7.77
C LEU A 19 5.20 -22.31 7.52
N ASP A 20 4.51 -23.02 8.42
CA ASP A 20 4.42 -24.47 8.25
C ASP A 20 3.37 -24.83 7.18
N ALA A 21 2.57 -23.87 6.70
CA ALA A 21 1.70 -24.11 5.56
C ALA A 21 2.36 -23.65 4.25
N SER A 22 3.51 -22.98 4.32
CA SER A 22 4.19 -22.50 3.13
C SER A 22 3.26 -21.58 2.32
N VAL A 23 2.59 -20.64 2.99
CA VAL A 23 1.71 -19.72 2.28
C VAL A 23 2.45 -18.41 1.99
N ASP A 24 1.76 -17.58 1.20
CA ASP A 24 2.27 -16.27 0.87
C ASP A 24 2.66 -15.56 2.16
N PRO A 25 3.79 -14.81 2.16
CA PRO A 25 4.61 -14.61 0.96
C PRO A 25 5.83 -15.49 0.73
N TYR A 26 5.98 -16.60 1.48
CA TYR A 26 7.20 -17.40 1.42
C TYR A 26 6.96 -18.88 1.09
N LEU A 27 7.69 -19.38 0.08
CA LEU A 27 7.86 -20.82 -0.11
C LEU A 27 9.00 -21.28 0.79
N THR A 28 8.76 -22.33 1.58
CA THR A 28 9.66 -22.73 2.66
C THR A 28 10.37 -24.07 2.42
N VAL A 29 10.35 -24.57 1.16
CA VAL A 29 10.75 -25.93 0.86
C VAL A 29 12.26 -26.13 0.99
N VAL A 30 13.08 -25.08 0.82
CA VAL A 30 14.52 -25.24 0.90
C VAL A 30 14.95 -25.21 2.36
N LYS A 31 14.99 -26.42 2.93
CA LYS A 31 15.33 -26.60 4.33
C LYS A 31 15.60 -28.08 4.58
N GLY A 32 15.98 -28.37 5.82
CA GLY A 32 16.08 -29.74 6.30
C GLY A 32 14.71 -30.36 6.55
N PRO A 33 14.68 -31.62 7.03
CA PRO A 33 13.41 -32.34 7.20
C PRO A 33 12.44 -31.75 8.21
N ARG A 34 12.93 -31.01 9.21
CA ARG A 34 12.08 -30.50 10.27
C ARG A 34 11.13 -29.44 9.68
N ALA A 35 10.14 -29.00 10.46
CA ALA A 35 9.15 -28.03 9.99
C ALA A 35 9.83 -26.67 9.73
N ALA A 36 9.25 -25.89 8.80
CA ALA A 36 9.81 -24.60 8.44
C ALA A 36 9.99 -23.75 9.69
N SER A 37 9.04 -23.86 10.63
CA SER A 37 9.01 -23.04 11.84
C SER A 37 10.13 -23.39 12.82
N ILE A 38 10.78 -24.53 12.67
CA ILE A 38 11.89 -24.89 13.55
C ILE A 38 13.14 -24.11 13.10
N TYR A 39 13.23 -23.78 11.80
CA TYR A 39 14.42 -23.11 11.27
C TYR A 39 14.23 -21.60 11.20
N THR A 40 12.99 -21.14 11.02
CA THR A 40 12.74 -19.72 10.84
C THR A 40 11.73 -19.26 11.89
N ARG A 41 12.17 -18.32 12.74
CA ARG A 41 11.43 -17.81 13.89
C ARG A 41 10.99 -16.38 13.59
N LEU A 42 9.76 -16.06 13.94
CA LEU A 42 9.23 -14.72 13.81
C LEU A 42 9.45 -14.00 15.14
N LEU A 43 10.05 -12.82 15.10
CA LEU A 43 10.62 -12.30 16.34
C LEU A 43 9.70 -11.35 17.10
N GLY A 44 8.45 -11.18 16.64
CA GLY A 44 7.53 -10.34 17.38
C GLY A 44 8.21 -9.06 17.88
N ARG A 45 8.07 -8.74 19.17
CA ARG A 45 8.55 -7.49 19.73
C ARG A 45 9.97 -7.67 20.30
N GLU A 46 10.51 -8.89 20.25
CA GLU A 46 11.84 -9.14 20.80
C GLU A 46 12.89 -8.31 20.09
N VAL A 47 12.73 -8.12 18.77
CA VAL A 47 13.69 -7.41 17.95
C VAL A 47 12.97 -6.36 17.11
N THR A 48 13.45 -5.12 17.21
CA THR A 48 12.96 -4.03 16.40
C THR A 48 13.53 -4.20 14.98
N PRO A 49 12.68 -4.22 13.93
CA PRO A 49 13.15 -4.42 12.57
C PRO A 49 13.82 -3.14 12.08
N THR A 50 14.33 -3.17 10.85
CA THR A 50 14.94 -1.98 10.27
C THR A 50 13.93 -0.85 10.35
N PRO A 51 14.34 0.37 10.76
CA PRO A 51 13.39 1.47 10.87
C PRO A 51 12.95 2.08 9.52
N LEU A 52 13.53 1.62 8.40
CA LEU A 52 13.28 2.28 7.12
C LEU A 52 11.80 2.27 6.75
N TRP A 53 11.08 1.18 7.07
CA TRP A 53 9.68 1.03 6.63
C TRP A 53 8.69 1.26 7.76
N ASN A 54 9.10 2.00 8.81
CA ASN A 54 8.23 2.33 9.92
C ASN A 54 7.11 3.24 9.43
N ASP A 55 6.00 3.24 10.20
CA ASP A 55 5.04 4.32 10.16
C ASP A 55 5.31 5.25 11.32
N ARG A 56 4.96 6.53 11.16
CA ARG A 56 5.22 7.56 12.15
C ARG A 56 3.90 7.99 12.78
N LEU A 57 3.97 8.33 14.08
CA LEU A 57 2.81 8.82 14.82
C LEU A 57 2.81 10.36 14.90
N PHE A 58 1.60 10.91 14.94
CA PHE A 58 1.38 12.28 15.34
C PHE A 58 0.44 12.28 16.54
N PRO A 59 0.76 12.94 17.67
CA PRO A 59 1.99 13.72 17.84
C PRO A 59 3.19 12.81 18.04
N GLU A 60 4.40 13.39 17.93
CA GLU A 60 5.63 12.64 17.82
C GLU A 60 6.22 12.35 19.20
N VAL A 61 5.51 12.80 20.25
CA VAL A 61 5.65 12.37 21.63
C VAL A 61 4.30 11.76 22.05
N PRO A 62 4.22 10.65 22.82
CA PRO A 62 5.38 9.89 23.30
C PRO A 62 6.15 9.02 22.29
N TYR A 63 5.45 8.18 21.51
CA TYR A 63 6.11 7.23 20.63
C TYR A 63 6.28 7.88 19.24
N PRO A 64 7.49 7.98 18.67
CA PRO A 64 7.63 8.51 17.30
C PRO A 64 7.07 7.62 16.19
N ALA A 65 7.09 6.28 16.35
CA ALA A 65 6.90 5.37 15.21
C ALA A 65 6.27 4.04 15.63
N VAL A 66 5.67 3.35 14.65
CA VAL A 66 5.18 1.98 14.78
C VAL A 66 5.87 1.08 13.74
N SER A 67 6.30 -0.11 14.19
CA SER A 67 6.85 -1.14 13.32
C SER A 67 5.76 -1.68 12.42
N THR A 68 6.04 -1.86 11.11
CA THR A 68 5.06 -2.36 10.18
C THR A 68 5.34 -3.81 9.81
N GLU A 69 6.33 -4.42 10.50
CA GLU A 69 6.75 -5.77 10.18
C GLU A 69 7.40 -6.35 11.43
N GLN A 70 7.60 -7.67 11.42
CA GLN A 70 8.44 -8.28 12.43
C GLN A 70 9.66 -8.88 11.74
N ALA A 71 10.80 -8.86 12.44
CA ALA A 71 12.02 -9.47 11.94
C ALA A 71 11.86 -10.99 11.91
N LEU A 72 12.65 -11.64 11.05
CA LEU A 72 12.72 -13.09 10.97
C LEU A 72 14.10 -13.54 11.41
N LEU A 73 14.20 -14.58 12.24
CA LEU A 73 15.46 -15.25 12.53
C LEU A 73 15.53 -16.55 11.74
N VAL A 74 16.53 -16.64 10.87
CA VAL A 74 16.78 -17.80 10.04
C VAL A 74 17.97 -18.55 10.62
N LEU A 75 17.74 -19.83 10.92
CA LEU A 75 18.71 -20.68 11.57
C LEU A 75 19.02 -21.85 10.67
N ILE A 76 20.29 -22.28 10.71
CA ILE A 76 20.72 -23.58 10.24
C ILE A 76 21.32 -24.35 11.42
N GLY A 77 21.19 -25.67 11.37
CA GLY A 77 21.80 -26.56 12.34
C GLY A 77 22.15 -27.87 11.66
N ASN A 78 22.43 -28.91 12.46
CA ASN A 78 23.01 -30.10 11.88
C ASN A 78 21.98 -30.85 11.04
N SER A 79 20.69 -30.59 11.27
CA SER A 79 19.65 -31.19 10.45
C SER A 79 19.43 -30.43 9.13
N SER A 80 20.18 -29.33 8.85
CA SER A 80 19.85 -28.44 7.73
C SER A 80 20.41 -28.97 6.40
N VAL A 81 20.07 -30.22 6.09
CA VAL A 81 20.47 -30.91 4.88
C VAL A 81 19.25 -30.93 3.96
N PHE A 82 19.37 -30.32 2.78
CA PHE A 82 18.26 -30.24 1.85
C PHE A 82 18.25 -31.51 0.99
N THR A 83 17.08 -32.14 0.86
CA THR A 83 16.91 -33.19 -0.12
C THR A 83 16.03 -32.67 -1.26
N PRO A 84 16.60 -32.45 -2.47
CA PRO A 84 15.83 -32.00 -3.63
C PRO A 84 14.79 -33.04 -4.04
N GLY A 85 13.51 -32.70 -3.87
CA GLY A 85 12.40 -33.61 -4.18
C GLY A 85 12.25 -34.68 -3.10
N SER A 86 11.55 -35.75 -3.44
CA SER A 86 11.49 -36.92 -2.59
C SER A 86 12.65 -37.86 -2.89
N SER A 87 13.37 -37.64 -4.00
CA SER A 87 14.24 -38.70 -4.49
C SER A 87 15.69 -38.24 -4.64
N GLY A 88 15.97 -36.96 -4.39
CA GLY A 88 17.29 -36.40 -4.65
C GLY A 88 18.32 -36.87 -3.64
N ARG A 89 19.59 -36.84 -4.05
CA ARG A 89 20.67 -37.13 -3.12
C ARG A 89 20.74 -35.99 -2.11
N PRO A 90 20.72 -36.29 -0.79
CA PRO A 90 20.85 -35.27 0.23
C PRO A 90 22.06 -34.36 -0.02
N GLN A 91 21.87 -33.05 0.20
CA GLN A 91 22.93 -32.08 -0.01
C GLN A 91 23.78 -31.98 1.26
N THR A 92 24.57 -33.03 1.51
CA THR A 92 25.33 -33.21 2.75
C THR A 92 26.49 -32.21 2.91
N GLY A 93 26.98 -31.62 1.81
CA GLY A 93 28.01 -30.59 1.88
C GLY A 93 27.50 -29.23 2.37
N PHE A 94 26.20 -28.99 2.22
CA PHE A 94 25.58 -27.71 2.50
C PHE A 94 24.85 -27.77 3.83
N ARG A 95 24.77 -26.62 4.50
CA ARG A 95 23.80 -26.42 5.58
C ARG A 95 22.98 -25.21 5.17
N ARG A 96 21.68 -25.42 4.95
CA ARG A 96 20.91 -24.35 4.35
C ARG A 96 19.48 -24.31 4.87
N THR A 97 19.03 -23.07 5.02
CA THR A 97 17.65 -22.71 5.26
C THR A 97 17.36 -21.47 4.41
N GLU A 98 16.45 -21.60 3.44
CA GLU A 98 16.03 -20.44 2.68
C GLU A 98 14.51 -20.30 2.58
N LEU A 99 14.11 -19.04 2.45
CA LEU A 99 12.75 -18.66 2.06
C LEU A 99 12.80 -18.10 0.66
N ILE A 100 11.77 -18.45 -0.13
CA ILE A 100 11.70 -18.10 -1.52
C ILE A 100 10.43 -17.30 -1.74
N ALA A 101 10.56 -16.17 -2.43
CA ALA A 101 9.40 -15.34 -2.75
C ALA A 101 8.39 -16.11 -3.61
N GLN A 102 7.11 -16.06 -3.21
CA GLN A 102 6.00 -16.52 -4.02
C GLN A 102 4.81 -15.58 -3.93
N VAL A 103 3.91 -15.72 -4.91
CA VAL A 103 2.66 -15.00 -4.98
C VAL A 103 1.60 -16.00 -5.43
N ASN A 104 0.47 -16.05 -4.69
CA ASN A 104 -0.63 -16.98 -4.91
C ASN A 104 -0.14 -18.43 -4.90
N GLY A 105 0.73 -18.77 -3.95
CA GLY A 105 1.20 -20.13 -3.82
C GLY A 105 2.31 -20.53 -4.80
N SER A 106 2.75 -19.63 -5.70
CA SER A 106 3.66 -20.05 -6.75
C SER A 106 4.87 -19.12 -6.87
N ASN A 107 6.06 -19.74 -6.91
CA ASN A 107 7.28 -19.04 -7.26
C ASN A 107 7.32 -18.85 -8.79
N ILE A 108 6.73 -19.80 -9.54
CA ILE A 108 6.81 -19.78 -11.01
C ILE A 108 6.12 -18.54 -11.56
N ASP A 109 4.88 -18.26 -11.13
CA ASP A 109 4.13 -17.10 -11.59
C ASP A 109 4.83 -15.78 -11.24
N LEU A 110 5.73 -15.78 -10.25
CA LEU A 110 6.36 -14.53 -9.84
C LEU A 110 7.54 -14.20 -10.74
N ILE A 111 8.11 -15.21 -11.41
CA ILE A 111 9.35 -15.07 -12.18
C ILE A 111 9.19 -13.99 -13.26
N PRO A 112 8.09 -13.97 -14.06
CA PRO A 112 7.88 -12.90 -15.04
C PRO A 112 7.68 -11.51 -14.43
N ILE A 113 7.09 -11.46 -13.24
CA ILE A 113 6.80 -10.20 -12.58
C ILE A 113 8.09 -9.57 -12.06
N ILE A 114 8.96 -10.36 -11.38
CA ILE A 114 10.19 -9.80 -10.83
C ILE A 114 11.33 -9.91 -11.84
N GLY A 115 11.03 -10.44 -13.03
CA GLY A 115 12.05 -10.68 -14.04
C GLY A 115 11.94 -9.78 -15.27
N LYS A 116 11.16 -8.70 -15.21
CA LYS A 116 10.99 -7.79 -16.36
C LYS A 116 11.29 -6.34 -15.99
N GLY A 117 11.97 -5.64 -16.91
CA GLY A 117 12.31 -4.25 -16.76
C GLY A 117 13.36 -4.02 -15.67
N ARG A 118 13.19 -2.93 -14.92
CA ARG A 118 14.06 -2.62 -13.79
C ARG A 118 13.34 -2.95 -12.48
N VAL A 119 14.02 -3.73 -11.64
CA VAL A 119 13.42 -4.26 -10.42
C VAL A 119 14.42 -4.06 -9.27
N ALA A 120 13.93 -3.50 -8.16
CA ALA A 120 14.75 -3.31 -6.96
C ALA A 120 14.44 -4.41 -5.93
N PHE A 121 15.49 -5.18 -5.60
CA PHE A 121 15.46 -6.18 -4.54
C PHE A 121 16.01 -5.59 -3.24
N HIS A 122 15.15 -5.48 -2.24
CA HIS A 122 15.46 -4.89 -0.95
C HIS A 122 15.65 -6.00 0.10
N PHE A 123 16.55 -5.74 1.04
CA PHE A 123 16.78 -6.65 2.14
C PHE A 123 17.76 -6.01 3.14
N SER A 124 17.53 -6.29 4.41
CA SER A 124 18.28 -5.77 5.54
C SER A 124 18.64 -6.95 6.45
N VAL A 125 19.88 -6.97 6.93
CA VAL A 125 20.36 -8.03 7.79
C VAL A 125 20.89 -7.46 9.10
N LEU A 126 20.73 -8.28 10.14
CA LEU A 126 21.19 -8.02 11.51
C LEU A 126 21.86 -9.27 12.04
N MET A 127 23.07 -9.07 12.57
CA MET A 127 23.82 -10.16 13.15
C MET A 127 23.07 -10.78 14.32
N ASP A 128 23.04 -12.12 14.36
CA ASP A 128 22.50 -12.87 15.50
C ASP A 128 23.62 -13.13 16.50
N GLU A 129 23.55 -12.46 17.66
CA GLU A 129 24.61 -12.58 18.67
C GLU A 129 24.48 -13.90 19.45
N TRP A 130 23.31 -14.58 19.35
CA TRP A 130 23.03 -15.80 20.09
C TRP A 130 23.49 -17.06 19.37
N HIS A 131 23.62 -17.04 18.03
CA HIS A 131 24.12 -18.20 17.29
C HIS A 131 25.04 -17.69 16.19
N LYS A 132 26.29 -17.41 16.56
CA LYS A 132 27.15 -16.61 15.68
C LYS A 132 27.50 -17.39 14.44
N LEU A 133 27.49 -16.67 13.30
CA LEU A 133 28.04 -17.19 12.05
C LEU A 133 29.53 -17.42 12.21
N ASP A 134 30.00 -18.54 11.63
CA ASP A 134 31.42 -18.82 11.54
C ASP A 134 31.95 -18.32 10.20
N MET A 135 32.77 -17.26 10.22
CA MET A 135 33.25 -16.61 9.01
C MET A 135 34.44 -17.33 8.38
N ILE A 136 34.85 -18.45 8.98
CA ILE A 136 35.76 -19.39 8.33
C ILE A 136 35.07 -19.96 7.10
N HIS A 137 33.73 -20.10 7.12
CA HIS A 137 32.99 -20.63 6.00
C HIS A 137 32.27 -19.55 5.17
N GLU A 138 31.96 -19.91 3.92
CA GLU A 138 31.22 -19.03 3.03
C GLU A 138 29.73 -19.21 3.23
N HIS A 139 29.01 -18.09 3.34
CA HIS A 139 27.57 -18.09 3.46
C HIS A 139 26.95 -17.29 2.31
N GLN A 140 26.08 -17.93 1.53
CA GLN A 140 25.30 -17.23 0.52
C GLN A 140 23.96 -16.90 1.13
N LEU A 141 23.66 -15.60 1.26
CA LEU A 141 22.57 -15.14 2.12
C LEU A 141 21.34 -14.81 1.29
N VAL A 142 21.55 -14.04 0.21
CA VAL A 142 20.47 -13.51 -0.59
C VAL A 142 20.91 -13.62 -2.04
N PHE A 143 20.01 -14.09 -2.92
CA PHE A 143 20.33 -14.26 -4.32
C PHE A 143 19.07 -14.50 -5.16
N VAL A 144 19.16 -14.24 -6.48
CA VAL A 144 18.18 -14.64 -7.46
C VAL A 144 18.81 -15.77 -8.25
N GLU A 145 18.14 -16.94 -8.24
CA GLU A 145 18.69 -18.17 -8.78
C GLU A 145 17.90 -18.63 -10.00
N PRO A 146 18.44 -18.45 -11.22
CA PRO A 146 17.84 -19.08 -12.42
C PRO A 146 17.86 -20.61 -12.31
N SER A 147 17.20 -21.26 -13.29
CA SER A 147 17.17 -22.71 -13.48
C SER A 147 18.52 -23.40 -13.27
N ASP A 148 19.60 -22.78 -13.78
CA ASP A 148 20.90 -23.45 -13.82
C ASP A 148 21.65 -23.37 -12.49
N GLY A 149 21.07 -22.79 -11.43
CA GLY A 149 21.71 -22.79 -10.13
C GLY A 149 22.68 -21.61 -9.92
N SER A 150 22.90 -20.80 -10.95
CA SER A 150 23.76 -19.62 -10.83
C SER A 150 23.03 -18.54 -10.00
N HIS A 151 23.71 -17.43 -9.69
CA HIS A 151 23.08 -16.33 -8.97
C HIS A 151 23.30 -15.00 -9.70
N VAL A 152 22.20 -14.33 -10.08
CA VAL A 152 22.29 -13.09 -10.82
C VAL A 152 23.07 -12.06 -9.99
N PHE A 153 22.80 -12.03 -8.69
CA PHE A 153 23.62 -11.36 -7.69
C PHE A 153 23.51 -12.16 -6.39
N THR A 154 24.46 -11.93 -5.48
CA THR A 154 24.49 -12.62 -4.21
C THR A 154 24.84 -11.62 -3.12
N LEU A 155 24.21 -11.74 -1.95
CA LEU A 155 24.82 -11.20 -0.74
C LEU A 155 25.56 -12.37 -0.08
N GLN A 156 26.86 -12.22 0.17
CA GLN A 156 27.72 -13.24 0.76
C GLN A 156 28.38 -12.68 2.02
N VAL A 157 28.64 -13.56 3.00
CA VAL A 157 29.50 -13.22 4.12
C VAL A 157 30.31 -14.46 4.51
N GLY A 158 31.49 -14.23 5.07
CA GLY A 158 32.43 -15.31 5.35
C GLY A 158 33.47 -15.51 4.25
N SER A 159 34.50 -16.30 4.59
CA SER A 159 35.60 -16.59 3.68
C SER A 159 35.09 -17.42 2.50
N PRO A 160 35.23 -16.95 1.24
CA PRO A 160 34.91 -17.79 0.09
C PRO A 160 35.54 -19.18 0.14
N PHE A 161 34.74 -20.18 -0.27
CA PHE A 161 35.18 -21.55 -0.38
C PHE A 161 36.28 -21.62 -1.42
N THR A 162 37.39 -22.29 -1.11
CA THR A 162 38.38 -22.63 -2.13
C THR A 162 38.86 -24.06 -1.94
N ASN A 163 39.16 -24.69 -3.08
CA ASN A 163 39.80 -25.98 -3.12
C ASN A 163 41.07 -25.87 -3.96
N PRO A 164 42.28 -26.02 -3.39
CA PRO A 164 42.50 -26.31 -1.97
C PRO A 164 42.16 -25.18 -1.00
N THR A 165 42.09 -25.54 0.29
CA THR A 165 41.91 -24.59 1.35
C THR A 165 43.08 -23.61 1.39
N GLY A 166 42.77 -22.33 1.62
CA GLY A 166 43.79 -21.29 1.74
C GLY A 166 43.81 -20.71 3.15
N PRO A 167 44.55 -19.61 3.40
CA PRO A 167 44.51 -18.98 4.71
C PRO A 167 43.09 -18.60 5.12
N LEU A 168 42.74 -18.91 6.37
CA LEU A 168 41.42 -18.63 6.89
C LEU A 168 41.57 -18.08 8.31
N PRO A 169 40.78 -17.09 8.71
CA PRO A 169 39.78 -16.49 7.81
C PRO A 169 40.43 -15.66 6.71
N ALA A 170 39.74 -15.50 5.59
CA ALA A 170 40.16 -14.59 4.54
C ALA A 170 40.13 -13.15 5.04
N PRO A 171 40.89 -12.23 4.42
CA PRO A 171 40.75 -10.81 4.73
C PRO A 171 39.30 -10.37 4.53
N ARG A 172 38.74 -9.64 5.49
CA ARG A 172 37.39 -9.08 5.35
C ARG A 172 36.35 -10.18 5.25
N ALA A 173 36.65 -11.35 5.84
CA ALA A 173 35.71 -12.46 5.95
C ALA A 173 34.40 -11.99 6.57
N ASP A 174 34.48 -11.09 7.54
CA ASP A 174 33.27 -10.62 8.20
C ASP A 174 32.71 -9.37 7.54
N TRP A 175 33.08 -9.11 6.26
CA TRP A 175 32.39 -8.11 5.46
C TRP A 175 31.27 -8.73 4.63
N LEU A 176 30.08 -8.13 4.74
CA LEU A 176 28.99 -8.37 3.79
C LEU A 176 29.47 -7.90 2.42
N LYS A 177 29.18 -8.74 1.41
CA LYS A 177 29.63 -8.51 0.05
C LYS A 177 28.46 -8.69 -0.93
N ILE A 178 28.36 -7.78 -1.90
CA ILE A 178 27.44 -7.98 -3.02
C ILE A 178 28.23 -8.39 -4.24
N LEU A 179 27.85 -9.55 -4.81
CA LEU A 179 28.55 -10.12 -5.96
C LEU A 179 27.67 -10.07 -7.19
N ASN A 180 28.29 -9.91 -8.35
CA ASN A 180 27.59 -10.04 -9.63
C ASN A 180 27.54 -11.53 -9.98
N HIS A 181 26.94 -11.84 -11.12
CA HIS A 181 26.72 -13.22 -11.52
C HIS A 181 28.02 -13.95 -11.78
N ASN A 182 29.09 -13.20 -12.12
CA ASN A 182 30.42 -13.75 -12.34
C ASN A 182 31.23 -13.81 -11.04
N LEU A 183 30.58 -13.54 -9.90
CA LEU A 183 31.16 -13.59 -8.56
C LEU A 183 32.15 -12.45 -8.32
N ASP A 184 32.11 -11.40 -9.15
CA ASP A 184 32.92 -10.21 -8.89
C ASP A 184 32.35 -9.44 -7.69
N VAL A 185 33.26 -8.92 -6.87
CA VAL A 185 32.89 -8.17 -5.68
C VAL A 185 32.56 -6.76 -6.11
N LEU A 186 31.28 -6.37 -5.98
CA LEU A 186 30.85 -5.03 -6.37
C LEU A 186 30.92 -4.02 -5.23
N PHE A 187 30.65 -4.48 -4.01
CA PHE A 187 30.55 -3.63 -2.84
C PHE A 187 30.73 -4.50 -1.62
N GLU A 188 31.48 -4.03 -0.62
CA GLU A 188 31.65 -4.81 0.60
C GLU A 188 31.69 -3.83 1.78
N THR A 189 31.17 -4.26 2.92
CA THR A 189 31.10 -3.44 4.12
C THR A 189 31.08 -4.38 5.33
N GLU A 190 31.73 -3.92 6.42
CA GLU A 190 31.87 -4.71 7.63
C GLU A 190 30.49 -5.05 8.18
N PHE A 191 30.29 -6.34 8.52
CA PHE A 191 29.08 -6.80 9.19
C PHE A 191 29.12 -6.44 10.67
N THR A 192 29.01 -5.15 10.97
CA THR A 192 28.99 -4.66 12.34
C THR A 192 27.75 -5.17 13.05
N ASP A 193 27.90 -5.45 14.35
CA ASP A 193 26.84 -6.02 15.15
C ASP A 193 25.85 -4.92 15.54
N GLU A 194 24.68 -5.38 16.00
CA GLU A 194 23.61 -4.51 16.52
C GLU A 194 23.28 -3.38 15.54
N THR A 195 23.29 -3.68 14.24
CA THR A 195 23.13 -2.69 13.17
C THR A 195 22.31 -3.32 12.06
N TRP A 196 21.27 -2.62 11.60
CA TRP A 196 20.53 -3.06 10.42
C TRP A 196 21.26 -2.59 9.17
N HIS A 197 21.78 -3.58 8.43
CA HIS A 197 22.43 -3.32 7.18
C HIS A 197 21.40 -3.42 6.07
N ASN A 198 21.01 -2.27 5.53
CA ASN A 198 19.98 -2.11 4.54
C ASN A 198 20.59 -2.09 3.15
N PHE A 199 20.06 -2.95 2.26
CA PHE A 199 20.52 -3.02 0.89
C PHE A 199 19.34 -2.86 -0.07
N ALA A 200 19.67 -2.34 -1.25
CA ALA A 200 18.83 -2.58 -2.42
C ALA A 200 19.74 -2.83 -3.61
N VAL A 201 19.41 -3.85 -4.38
CA VAL A 201 20.13 -4.14 -5.60
C VAL A 201 19.12 -3.92 -6.74
N ILE A 202 19.43 -2.98 -7.63
CA ILE A 202 18.61 -2.78 -8.82
C ILE A 202 19.09 -3.70 -9.95
N VAL A 203 18.18 -4.58 -10.42
CA VAL A 203 18.43 -5.40 -11.59
C VAL A 203 17.69 -4.81 -12.78
N ASP A 204 18.43 -4.38 -13.80
CA ASP A 204 17.84 -3.98 -15.07
C ASP A 204 17.91 -5.18 -16.00
N TRP A 205 16.78 -5.88 -16.12
CA TRP A 205 16.67 -7.13 -16.87
C TRP A 205 16.86 -6.95 -18.40
N GLU A 206 16.62 -5.76 -18.95
CA GLU A 206 16.81 -5.54 -20.38
C GLU A 206 18.28 -5.32 -20.69
N LYS A 207 18.96 -4.46 -19.90
CA LYS A 207 20.34 -4.08 -20.19
C LYS A 207 21.35 -4.98 -19.46
N ARG A 208 20.86 -5.83 -18.56
CA ARG A 208 21.69 -6.72 -17.74
C ARG A 208 22.73 -5.89 -16.99
N THR A 209 22.22 -5.07 -16.06
CA THR A 209 23.03 -4.29 -15.15
C THR A 209 22.61 -4.54 -13.69
N LEU A 210 23.52 -4.17 -12.78
CA LEU A 210 23.29 -4.16 -11.34
C LEU A 210 23.69 -2.78 -10.80
N GLN A 211 22.97 -2.34 -9.77
CA GLN A 211 23.40 -1.18 -9.00
C GLN A 211 23.13 -1.48 -7.53
N VAL A 212 24.11 -1.20 -6.68
CA VAL A 212 24.00 -1.47 -5.26
C VAL A 212 23.67 -0.17 -4.52
N TRP A 213 22.71 -0.28 -3.60
CA TRP A 213 22.36 0.77 -2.65
C TRP A 213 22.49 0.19 -1.24
N TYR A 214 22.96 1.03 -0.30
CA TYR A 214 23.26 0.57 1.03
C TYR A 214 23.06 1.72 2.02
N SER A 215 22.70 1.39 3.26
CA SER A 215 22.75 2.29 4.40
C SER A 215 22.70 1.44 5.67
N GLN A 216 22.78 2.13 6.83
CA GLN A 216 22.63 1.51 8.14
C GLN A 216 21.46 2.13 8.89
N ASN A 217 20.69 1.27 9.57
CA ASN A 217 19.69 1.67 10.55
C ASN A 217 18.67 2.57 9.89
N GLU A 218 18.48 3.79 10.43
CA GLU A 218 17.40 4.67 9.98
C GLU A 218 17.84 5.52 8.79
N ASN A 219 19.11 5.43 8.38
CA ASN A 219 19.61 6.26 7.30
C ASN A 219 19.02 5.79 5.96
N ASN A 220 18.64 6.75 5.10
CA ASN A 220 18.14 6.43 3.77
C ASN A 220 19.22 5.72 2.96
N LEU A 221 18.80 4.77 2.11
CA LEU A 221 19.67 4.14 1.13
C LEU A 221 20.35 5.20 0.24
N VAL A 222 21.67 5.02 0.01
CA VAL A 222 22.44 5.78 -0.95
C VAL A 222 23.09 4.80 -1.92
N TRP A 223 23.39 5.26 -3.14
CA TRP A 223 24.02 4.40 -4.13
C TRP A 223 25.51 4.26 -3.84
N VAL A 224 26.03 3.02 -3.91
CA VAL A 224 27.40 2.74 -3.55
C VAL A 224 28.16 2.09 -4.72
N THR A 225 27.46 1.77 -5.81
CA THR A 225 28.08 1.48 -7.09
C THR A 225 27.36 2.29 -8.14
N PRO A 226 28.04 2.60 -9.28
CA PRO A 226 27.35 3.05 -10.47
C PRO A 226 26.49 1.91 -10.99
N VAL A 227 25.82 2.14 -12.13
CA VAL A 227 25.17 1.06 -12.86
C VAL A 227 26.26 0.23 -13.53
N LEU A 228 26.25 -1.09 -13.29
CA LEU A 228 27.39 -1.90 -13.72
C LEU A 228 26.91 -3.02 -14.63
N PRO A 229 27.65 -3.33 -15.72
CA PRO A 229 27.29 -4.46 -16.56
C PRO A 229 27.31 -5.78 -15.79
N ASN A 230 26.35 -6.66 -16.09
CA ASN A 230 26.26 -7.98 -15.49
C ASN A 230 26.09 -9.01 -16.60
N GLU A 231 27.04 -9.04 -17.54
CA GLU A 231 26.77 -9.56 -18.87
C GLU A 231 26.95 -11.08 -18.98
N THR A 232 27.31 -11.76 -17.87
CA THR A 232 27.44 -13.21 -17.89
C THR A 232 26.10 -13.88 -17.57
N VAL A 233 25.10 -13.07 -17.22
CA VAL A 233 23.73 -13.54 -17.08
C VAL A 233 23.26 -14.05 -18.44
N LYS A 234 22.55 -15.18 -18.45
CA LYS A 234 22.10 -15.75 -19.70
C LYS A 234 20.97 -14.91 -20.29
N ARG A 235 20.89 -14.92 -21.62
CA ARG A 235 19.85 -14.21 -22.34
C ARG A 235 18.54 -14.96 -22.15
N GLY A 236 17.45 -14.20 -22.20
CA GLY A 236 16.12 -14.75 -22.21
C GLY A 236 15.67 -15.24 -20.83
N THR A 237 14.75 -16.20 -20.84
CA THR A 237 14.14 -16.74 -19.63
C THR A 237 15.16 -17.49 -18.76
N ALA A 238 16.28 -17.93 -19.36
CA ALA A 238 17.32 -18.66 -18.65
C ALA A 238 18.11 -17.74 -17.72
N GLY A 239 17.91 -16.42 -17.85
CA GLY A 239 18.62 -15.45 -17.03
C GLY A 239 17.84 -15.11 -15.76
N ARG A 240 16.54 -15.46 -15.77
CA ARG A 240 15.61 -15.19 -14.69
C ARG A 240 15.49 -16.38 -13.73
N GLY A 241 14.93 -16.10 -12.55
CA GLY A 241 14.87 -17.10 -11.51
C GLY A 241 14.19 -16.58 -10.25
N ASP A 242 14.25 -17.42 -9.22
CA ASP A 242 13.59 -17.21 -7.93
C ASP A 242 14.43 -16.36 -6.98
N PHE A 243 13.75 -15.61 -6.12
CA PHE A 243 14.42 -14.81 -5.12
C PHE A 243 14.53 -15.60 -3.83
N HIS A 244 15.75 -15.91 -3.37
CA HIS A 244 15.96 -16.59 -2.10
C HIS A 244 16.56 -15.68 -1.03
N PHE A 245 16.18 -15.89 0.23
CA PHE A 245 16.96 -15.31 1.31
C PHE A 245 16.97 -16.24 2.52
N GLY A 246 18.14 -16.25 3.19
CA GLY A 246 18.35 -17.13 4.33
C GLY A 246 19.84 -17.30 4.60
N ILE A 247 20.26 -18.57 4.67
CA ILE A 247 21.66 -18.93 4.82
C ILE A 247 21.89 -20.21 4.00
N LEU A 248 22.78 -20.14 3.01
CA LEU A 248 23.37 -21.31 2.40
C LEU A 248 24.85 -21.32 2.76
N LYS A 249 25.19 -22.25 3.66
CA LYS A 249 26.56 -22.36 4.15
C LYS A 249 27.28 -23.47 3.41
N LEU A 250 28.41 -23.10 2.81
CA LEU A 250 29.29 -24.01 2.12
C LEU A 250 30.23 -24.66 3.12
N PRO A 251 30.80 -25.83 2.75
CA PRO A 251 31.72 -26.52 3.64
C PRO A 251 33.13 -25.99 3.44
N LEU A 252 34.06 -26.63 4.14
CA LEU A 252 35.48 -26.57 3.81
C LEU A 252 35.83 -27.91 3.18
N VAL A 253 36.88 -27.92 2.35
CA VAL A 253 37.48 -29.13 1.82
C VAL A 253 37.94 -30.02 2.97
N ASN A 254 37.58 -31.30 2.85
CA ASN A 254 38.10 -32.37 3.68
C ASN A 254 39.08 -33.17 2.84
N VAL A 255 40.38 -33.03 3.16
CA VAL A 255 41.44 -33.70 2.42
C VAL A 255 41.32 -35.22 2.54
N ALA A 256 40.61 -35.73 3.53
CA ALA A 256 40.39 -37.17 3.58
C ALA A 256 39.64 -37.61 2.32
N ASP A 257 38.81 -36.72 1.75
CA ASP A 257 38.01 -37.08 0.58
C ASP A 257 38.91 -37.28 -0.63
N PRO A 258 38.54 -38.16 -1.58
CA PRO A 258 39.29 -38.28 -2.82
C PRO A 258 39.34 -36.92 -3.51
N PRO A 259 40.47 -36.54 -4.16
CA PRO A 259 40.57 -35.31 -4.93
C PRO A 259 39.46 -35.12 -5.96
N GLU A 260 38.90 -36.23 -6.47
CA GLU A 260 37.89 -36.15 -7.52
C GLU A 260 36.53 -35.65 -6.99
N VAL A 261 36.30 -35.60 -5.66
CA VAL A 261 35.00 -35.13 -5.16
C VAL A 261 35.10 -33.82 -4.37
N ARG A 262 36.30 -33.28 -4.15
CA ARG A 262 36.46 -32.20 -3.19
C ARG A 262 35.78 -30.91 -3.67
N ASP A 263 35.69 -30.73 -5.00
CA ASP A 263 35.03 -29.57 -5.58
C ASP A 263 33.51 -29.63 -5.42
N ASP A 264 32.93 -30.83 -5.22
CA ASP A 264 31.48 -31.02 -5.14
C ASP A 264 31.00 -30.66 -3.74
N VAL A 265 30.81 -29.35 -3.55
CA VAL A 265 30.42 -28.80 -2.26
C VAL A 265 28.97 -29.13 -1.93
N VAL A 266 28.20 -29.61 -2.89
CA VAL A 266 26.82 -29.99 -2.64
C VAL A 266 26.83 -31.23 -1.73
N HIS A 267 27.83 -32.11 -1.88
CA HIS A 267 27.76 -33.40 -1.20
C HIS A 267 28.95 -33.65 -0.28
N TYR A 268 30.07 -32.92 -0.43
CA TYR A 268 31.28 -33.22 0.32
C TYR A 268 31.83 -31.97 0.99
N GLY A 269 32.49 -32.20 2.12
CA GLY A 269 33.21 -31.16 2.82
C GLY A 269 32.88 -31.18 4.31
N ILE A 270 33.70 -30.47 5.09
CA ILE A 270 33.54 -30.40 6.53
C ILE A 270 32.43 -29.39 6.85
N GLN A 271 31.41 -29.88 7.56
CA GLN A 271 30.33 -29.10 8.13
C GLN A 271 30.20 -29.48 9.61
N PRO A 272 30.58 -28.58 10.54
CA PRO A 272 30.44 -28.88 11.96
C PRO A 272 28.96 -28.90 12.32
N PRO A 273 28.54 -29.67 13.35
CA PRO A 273 27.12 -29.80 13.66
C PRO A 273 26.57 -28.69 14.58
N THR A 274 26.82 -27.43 14.22
CA THR A 274 26.55 -26.28 15.07
C THR A 274 25.38 -25.48 14.52
N THR A 275 24.80 -24.63 15.38
CA THR A 275 23.67 -23.80 15.03
C THR A 275 24.17 -22.39 14.73
N HIS A 276 23.63 -21.76 13.68
CA HIS A 276 24.02 -20.40 13.29
C HIS A 276 22.81 -19.66 12.73
N GLY A 277 22.72 -18.35 13.03
CA GLY A 277 21.58 -17.57 12.61
C GLY A 277 21.96 -16.25 11.95
N ILE A 278 20.95 -15.63 11.33
CA ILE A 278 20.99 -14.26 10.88
C ILE A 278 19.54 -13.77 10.93
N MET A 279 19.37 -12.47 11.17
CA MET A 279 18.05 -11.90 11.21
C MET A 279 17.82 -11.03 9.97
N TYR A 280 16.59 -11.12 9.46
CA TYR A 280 16.16 -10.38 8.28
C TYR A 280 15.00 -9.45 8.62
N SER A 281 14.97 -8.30 7.94
CA SER A 281 13.80 -7.45 7.86
C SER A 281 13.88 -6.66 6.56
N GLY A 282 12.80 -5.94 6.24
CA GLY A 282 12.78 -5.06 5.09
C GLY A 282 13.05 -5.79 3.79
N VAL A 283 12.64 -7.05 3.67
CA VAL A 283 12.85 -7.81 2.45
C VAL A 283 11.62 -7.71 1.55
N PHE A 284 11.75 -7.01 0.40
CA PHE A 284 10.65 -6.88 -0.54
C PHE A 284 11.21 -6.51 -1.92
N ILE A 285 10.32 -6.58 -2.94
CA ILE A 285 10.70 -6.30 -4.31
C ILE A 285 9.73 -5.28 -4.92
N GLU A 286 10.29 -4.25 -5.58
CA GLU A 286 9.49 -3.20 -6.20
C GLU A 286 10.03 -2.89 -7.59
N ASP A 287 9.17 -2.37 -8.47
CA ASP A 287 9.63 -1.81 -9.74
C ASP A 287 10.15 -0.41 -9.45
N LEU A 288 10.57 0.34 -10.49
CA LEU A 288 11.10 1.68 -10.27
C LEU A 288 10.17 2.78 -10.78
N GLU A 289 8.86 2.54 -10.76
CA GLU A 289 7.87 3.60 -10.96
C GLU A 289 8.10 4.75 -9.99
N ASP A 290 8.22 5.97 -10.56
CA ASP A 290 8.49 7.19 -9.83
C ASP A 290 9.88 7.19 -9.21
N GLY A 291 10.34 6.06 -8.67
CA GLY A 291 11.71 5.97 -8.21
C GLY A 291 11.93 4.82 -7.23
N LEU A 292 13.12 4.78 -6.64
CA LEU A 292 13.49 3.78 -5.65
C LEU A 292 12.99 4.20 -4.26
N SER A 293 12.44 3.24 -3.52
CA SER A 293 12.13 3.48 -2.12
C SER A 293 13.45 3.47 -1.34
N VAL A 294 13.86 4.65 -0.83
CA VAL A 294 15.12 4.78 -0.10
C VAL A 294 14.92 4.74 1.42
N GLY A 295 13.65 4.71 1.89
CA GLY A 295 13.35 4.59 3.32
C GLY A 295 12.69 5.86 3.85
N ASN A 296 12.01 5.75 5.00
CA ASN A 296 11.53 6.94 5.68
C ASN A 296 10.52 7.70 4.80
N LYS A 297 9.80 6.98 3.94
CA LYS A 297 8.73 7.54 3.13
C LYS A 297 9.24 8.44 2.01
N PHE A 298 10.50 8.22 1.58
CA PHE A 298 11.04 8.98 0.46
C PHE A 298 11.23 8.06 -0.73
N ILE A 299 11.02 8.61 -1.93
CA ILE A 299 11.38 7.96 -3.18
C ILE A 299 12.46 8.79 -3.85
N GLN A 300 13.37 8.11 -4.57
CA GLN A 300 14.46 8.78 -5.25
C GLN A 300 14.46 8.36 -6.72
N GLU A 301 14.41 9.36 -7.61
CA GLU A 301 14.47 9.09 -9.04
C GLU A 301 15.81 8.43 -9.35
N VAL A 302 15.75 7.43 -10.25
CA VAL A 302 16.93 6.71 -10.71
C VAL A 302 16.77 6.49 -12.21
N ALA A 303 17.89 6.30 -12.92
CA ALA A 303 17.88 5.91 -14.33
C ALA A 303 19.21 5.21 -14.69
N GLY B 2 -4.83 3.44 9.24
CA GLY B 2 -5.32 2.04 9.26
C GLY B 2 -5.16 1.38 7.90
N LYS B 3 -5.77 0.22 7.75
CA LYS B 3 -5.73 -0.51 6.49
C LYS B 3 -6.77 0.07 5.56
N VAL B 4 -6.42 0.29 4.29
CA VAL B 4 -7.34 0.83 3.31
C VAL B 4 -8.34 -0.28 2.99
N LEU B 5 -9.63 0.03 3.13
CA LEU B 5 -10.70 -0.92 2.85
C LEU B 5 -11.21 -0.73 1.44
N TRP B 6 -11.18 0.51 0.94
CA TRP B 6 -11.51 0.85 -0.44
C TRP B 6 -10.80 2.15 -0.76
N ASP B 7 -10.22 2.27 -1.95
CA ASP B 7 -9.48 3.45 -2.33
C ASP B 7 -10.11 4.09 -3.56
N GLY B 8 -10.73 5.26 -3.35
CA GLY B 8 -11.31 6.06 -4.43
C GLY B 8 -10.40 7.19 -4.90
N ARG B 9 -9.12 7.13 -4.55
CA ARG B 9 -8.15 8.09 -5.07
C ARG B 9 -7.75 7.66 -6.47
N ALA B 10 -8.22 8.40 -7.49
CA ALA B 10 -8.16 7.92 -8.86
C ALA B 10 -6.70 7.74 -9.23
N PRO B 11 -6.28 6.54 -9.65
CA PRO B 11 -4.92 6.36 -10.15
C PRO B 11 -4.61 7.33 -11.29
N ARG B 12 -3.33 7.67 -11.42
CA ARG B 12 -2.88 8.55 -12.49
C ARG B 12 -3.16 7.94 -13.86
N ASN B 13 -3.27 6.60 -13.95
CA ASN B 13 -3.50 5.95 -15.23
C ASN B 13 -5.00 5.79 -15.52
N TYR B 14 -5.87 6.16 -14.57
CA TYR B 14 -7.32 5.97 -14.74
C TYR B 14 -7.85 6.86 -15.87
N THR B 15 -8.86 6.38 -16.59
CA THR B 15 -9.35 7.01 -17.79
C THR B 15 -10.88 7.06 -17.83
N SER B 16 -11.38 7.91 -18.72
CA SER B 16 -12.78 7.96 -19.12
C SER B 16 -13.35 6.58 -19.45
N PHE B 17 -12.53 5.70 -20.05
CA PHE B 17 -12.99 4.39 -20.47
C PHE B 17 -13.22 3.47 -19.27
N HIS B 18 -12.40 3.61 -18.23
CA HIS B 18 -12.67 2.92 -16.99
C HIS B 18 -14.03 3.36 -16.44
N LEU B 19 -14.24 4.68 -16.39
CA LEU B 19 -15.48 5.22 -15.86
C LEU B 19 -16.69 4.67 -16.65
N ASP B 20 -16.59 4.65 -17.97
CA ASP B 20 -17.72 4.22 -18.78
C ASP B 20 -17.91 2.70 -18.71
N ALA B 21 -16.94 1.98 -18.14
CA ALA B 21 -17.10 0.54 -17.92
C ALA B 21 -17.61 0.29 -16.52
N SER B 22 -17.67 1.35 -15.69
CA SER B 22 -18.10 1.21 -14.30
C SER B 22 -17.26 0.16 -13.58
N VAL B 23 -15.93 0.22 -13.72
CA VAL B 23 -15.08 -0.73 -13.02
C VAL B 23 -14.56 -0.14 -11.70
N ASP B 24 -13.88 -1.01 -10.96
CA ASP B 24 -13.27 -0.61 -9.71
C ASP B 24 -12.41 0.63 -9.96
N PRO B 25 -12.33 1.58 -9.00
CA PRO B 25 -13.12 1.53 -7.76
C PRO B 25 -14.51 2.15 -7.69
N TYR B 26 -15.14 2.51 -8.83
CA TYR B 26 -16.38 3.28 -8.77
C TYR B 26 -17.53 2.66 -9.56
N LEU B 27 -18.69 2.50 -8.90
CA LEU B 27 -19.96 2.26 -9.58
C LEU B 27 -20.54 3.59 -10.03
N THR B 28 -20.89 3.70 -11.32
CA THR B 28 -21.21 4.99 -11.90
C THR B 28 -22.69 5.13 -12.31
N VAL B 29 -23.56 4.24 -11.82
CA VAL B 29 -24.95 4.16 -12.26
C VAL B 29 -25.75 5.42 -11.91
N VAL B 30 -25.42 6.14 -10.82
CA VAL B 30 -26.23 7.28 -10.39
C VAL B 30 -25.85 8.52 -11.21
N LYS B 31 -26.58 8.70 -12.30
CA LYS B 31 -26.34 9.81 -13.21
C LYS B 31 -27.49 9.89 -14.20
N GLY B 32 -27.43 10.90 -15.07
CA GLY B 32 -28.32 11.01 -16.20
C GLY B 32 -27.99 9.98 -17.27
N PRO B 33 -28.69 9.99 -18.42
CA PRO B 33 -28.50 8.96 -19.45
C PRO B 33 -27.19 9.04 -20.24
N ARG B 34 -26.46 10.16 -20.18
CA ARG B 34 -25.20 10.25 -20.91
C ARG B 34 -24.17 9.31 -20.27
N ALA B 35 -23.04 9.10 -20.94
CA ALA B 35 -21.98 8.24 -20.40
C ALA B 35 -21.42 8.85 -19.11
N ALA B 36 -20.87 7.99 -18.25
CA ALA B 36 -20.34 8.44 -16.97
C ALA B 36 -19.26 9.49 -17.21
N SER B 37 -18.51 9.30 -18.30
CA SER B 37 -17.43 10.18 -18.76
C SER B 37 -17.90 11.62 -18.99
N ILE B 38 -19.15 11.81 -19.41
CA ILE B 38 -19.64 13.16 -19.68
C ILE B 38 -19.83 13.95 -18.39
N TYR B 39 -20.18 13.28 -17.29
CA TYR B 39 -20.45 13.98 -16.03
C TYR B 39 -19.23 14.03 -15.12
N THR B 40 -18.34 13.05 -15.22
CA THR B 40 -17.16 13.01 -14.36
C THR B 40 -15.90 13.02 -15.22
N ARG B 41 -15.02 14.00 -14.98
CA ARG B 41 -13.82 14.25 -15.75
C ARG B 41 -12.62 14.00 -14.85
N LEU B 42 -11.65 13.22 -15.33
CA LEU B 42 -10.39 13.01 -14.63
C LEU B 42 -9.44 14.13 -15.01
N LEU B 43 -8.85 14.81 -14.01
CA LEU B 43 -8.25 16.10 -14.29
C LEU B 43 -6.76 16.06 -14.62
N GLY B 44 -6.13 14.88 -14.63
CA GLY B 44 -4.72 14.80 -15.01
C GLY B 44 -3.87 15.83 -14.26
N ARG B 45 -3.01 16.56 -14.98
CA ARG B 45 -2.06 17.49 -14.38
C ARG B 45 -2.68 18.89 -14.30
N GLU B 46 -3.91 19.05 -14.81
CA GLU B 46 -4.55 20.36 -14.84
C GLU B 46 -4.80 20.88 -13.43
N VAL B 47 -5.08 19.98 -12.48
CA VAL B 47 -5.34 20.34 -11.09
C VAL B 47 -4.51 19.44 -10.17
N THR B 48 -3.74 20.08 -9.28
CA THR B 48 -3.02 19.39 -8.22
C THR B 48 -4.02 18.91 -7.16
N PRO B 49 -4.08 17.60 -6.85
CA PRO B 49 -5.02 17.11 -5.83
C PRO B 49 -4.54 17.48 -4.43
N THR B 50 -5.31 17.10 -3.41
CA THR B 50 -4.93 17.42 -2.04
C THR B 50 -3.52 16.88 -1.79
N PRO B 51 -2.64 17.65 -1.16
CA PRO B 51 -1.27 17.20 -0.94
C PRO B 51 -1.16 16.13 0.15
N LEU B 52 -2.26 15.85 0.87
CA LEU B 52 -2.18 14.99 2.04
C LEU B 52 -1.55 13.63 1.69
N TRP B 53 -1.80 13.10 0.48
CA TRP B 53 -1.39 11.74 0.15
C TRP B 53 -0.26 11.70 -0.89
N ASN B 54 0.46 12.80 -1.02
CA ASN B 54 1.64 12.87 -1.88
C ASN B 54 2.69 11.86 -1.42
N ASP B 55 3.59 11.53 -2.36
CA ASP B 55 4.86 10.90 -2.06
C ASP B 55 5.98 11.96 -2.15
N ARG B 56 6.99 11.84 -1.29
CA ARG B 56 8.04 12.84 -1.21
C ARG B 56 9.31 12.31 -1.88
N LEU B 57 10.06 13.21 -2.53
CA LEU B 57 11.26 12.83 -3.25
C LEU B 57 12.50 13.19 -2.45
N PHE B 58 13.54 12.38 -2.66
CA PHE B 58 14.89 12.69 -2.23
C PHE B 58 15.72 12.83 -3.50
N PRO B 59 16.37 13.99 -3.78
CA PRO B 59 16.42 15.13 -2.85
C PRO B 59 15.12 15.93 -2.92
N GLU B 60 14.93 16.81 -1.92
CA GLU B 60 13.74 17.65 -1.79
C GLU B 60 13.87 18.89 -2.67
N VAL B 61 15.01 19.00 -3.38
CA VAL B 61 15.23 19.87 -4.52
C VAL B 61 15.49 18.98 -5.74
N PRO B 62 15.02 19.31 -6.97
CA PRO B 62 14.04 20.37 -7.23
C PRO B 62 12.58 20.18 -6.77
N TYR B 63 11.94 19.04 -7.10
CA TYR B 63 10.51 18.85 -6.84
C TYR B 63 10.34 18.14 -5.49
N PRO B 64 9.75 18.76 -4.45
CA PRO B 64 9.55 18.06 -3.18
C PRO B 64 8.72 16.77 -3.30
N ALA B 65 7.70 16.73 -4.19
CA ALA B 65 6.65 15.72 -4.08
C ALA B 65 6.14 15.24 -5.43
N VAL B 66 5.60 14.01 -5.42
CA VAL B 66 4.87 13.46 -6.54
C VAL B 66 3.42 13.18 -6.10
N SER B 67 2.49 13.55 -6.98
CA SER B 67 1.07 13.25 -6.83
C SER B 67 0.82 11.75 -7.03
N THR B 68 -0.03 11.16 -6.18
CA THR B 68 -0.31 9.74 -6.23
C THR B 68 -1.73 9.48 -6.74
N GLU B 69 -2.36 10.54 -7.26
CA GLU B 69 -3.74 10.46 -7.69
C GLU B 69 -4.03 11.63 -8.61
N GLN B 70 -5.08 11.45 -9.42
CA GLN B 70 -5.73 12.50 -10.18
C GLN B 70 -6.94 13.01 -9.43
N ALA B 71 -7.21 14.33 -9.49
CA ALA B 71 -8.49 14.85 -9.02
C ALA B 71 -9.60 14.49 -10.02
N LEU B 72 -10.84 14.44 -9.51
CA LEU B 72 -12.04 14.22 -10.31
C LEU B 72 -12.89 15.47 -10.28
N LEU B 73 -13.45 15.84 -11.44
CA LEU B 73 -14.42 16.90 -11.56
C LEU B 73 -15.76 16.23 -11.85
N VAL B 74 -16.67 16.42 -10.89
CA VAL B 74 -18.03 15.91 -11.01
C VAL B 74 -18.94 17.06 -11.40
N LEU B 75 -19.70 16.85 -12.49
CA LEU B 75 -20.60 17.85 -13.05
C LEU B 75 -22.04 17.35 -13.00
N ILE B 76 -22.96 18.30 -12.80
CA ILE B 76 -24.37 18.09 -13.08
C ILE B 76 -24.80 19.16 -14.09
N GLY B 77 -25.71 18.79 -14.98
CA GLY B 77 -26.36 19.73 -15.90
C GLY B 77 -27.81 19.31 -16.13
N ASN B 78 -28.41 19.78 -17.23
CA ASN B 78 -29.86 19.67 -17.38
C ASN B 78 -30.27 18.23 -17.65
N SER B 79 -29.33 17.42 -18.15
CA SER B 79 -29.59 16.01 -18.38
C SER B 79 -29.41 15.15 -17.12
N SER B 80 -29.05 15.74 -15.96
CA SER B 80 -28.61 14.96 -14.80
C SER B 80 -29.81 14.46 -14.00
N VAL B 81 -30.73 13.79 -14.70
CA VAL B 81 -31.94 13.24 -14.14
C VAL B 81 -31.74 11.74 -14.01
N PHE B 82 -31.81 11.23 -12.79
CA PHE B 82 -31.60 9.80 -12.56
C PHE B 82 -32.90 9.07 -12.82
N THR B 83 -32.85 8.00 -13.64
CA THR B 83 -33.94 7.05 -13.69
C THR B 83 -33.52 5.75 -13.00
N PRO B 84 -34.07 5.42 -11.80
CA PRO B 84 -33.77 4.18 -11.11
C PRO B 84 -34.34 2.95 -11.83
N GLY B 85 -33.48 1.95 -12.08
CA GLY B 85 -33.84 0.81 -12.91
C GLY B 85 -34.02 1.24 -14.35
N SER B 86 -34.65 0.39 -15.16
CA SER B 86 -35.11 0.81 -16.47
C SER B 86 -36.51 1.40 -16.34
N SER B 87 -37.17 1.11 -15.21
CA SER B 87 -38.61 1.30 -15.18
C SER B 87 -39.04 2.38 -14.20
N GLY B 88 -38.09 2.98 -13.47
CA GLY B 88 -38.43 3.94 -12.42
C GLY B 88 -38.95 5.27 -12.98
N ARG B 89 -39.72 5.97 -12.16
CA ARG B 89 -40.12 7.33 -12.48
C ARG B 89 -38.87 8.20 -12.46
N PRO B 90 -38.56 8.98 -13.52
CA PRO B 90 -37.38 9.85 -13.53
C PRO B 90 -37.40 10.83 -12.35
N GLN B 91 -36.22 11.03 -11.75
CA GLN B 91 -36.11 11.91 -10.59
C GLN B 91 -35.96 13.36 -11.05
N THR B 92 -37.05 13.93 -11.56
CA THR B 92 -37.06 15.26 -12.18
C THR B 92 -36.83 16.42 -11.19
N GLY B 93 -37.09 16.19 -9.89
CA GLY B 93 -36.78 17.18 -8.86
C GLY B 93 -35.27 17.34 -8.57
N PHE B 94 -34.49 16.28 -8.78
CA PHE B 94 -33.07 16.27 -8.45
C PHE B 94 -32.22 16.55 -9.67
N ARG B 95 -31.03 17.10 -9.44
CA ARG B 95 -29.96 17.04 -10.43
C ARG B 95 -28.80 16.34 -9.74
N ARG B 96 -28.39 15.19 -10.29
CA ARG B 96 -27.42 14.39 -9.54
C ARG B 96 -26.48 13.62 -10.45
N THR B 97 -25.22 13.57 -9.96
CA THR B 97 -24.17 12.70 -10.45
C THR B 97 -23.41 12.19 -9.23
N GLU B 98 -23.40 10.86 -9.04
CA GLU B 98 -22.62 10.27 -7.97
C GLU B 98 -21.76 9.13 -8.47
N LEU B 99 -20.66 8.94 -7.73
CA LEU B 99 -19.83 7.74 -7.79
C LEU B 99 -20.03 7.00 -6.47
N ILE B 100 -20.11 5.65 -6.56
CA ILE B 100 -20.37 4.80 -5.42
C ILE B 100 -19.20 3.83 -5.28
N ALA B 101 -18.69 3.68 -4.06
CA ALA B 101 -17.58 2.78 -3.80
C ALA B 101 -17.99 1.33 -4.11
N GLN B 102 -17.11 0.65 -4.86
CA GLN B 102 -17.27 -0.68 -5.40
C GLN B 102 -16.00 -1.49 -5.11
N VAL B 103 -16.13 -2.80 -4.82
CA VAL B 103 -14.99 -3.72 -4.82
C VAL B 103 -15.40 -4.98 -5.59
N ASN B 104 -14.55 -5.41 -6.53
CA ASN B 104 -14.74 -6.58 -7.39
C ASN B 104 -16.01 -6.42 -8.22
N GLY B 105 -16.27 -5.19 -8.68
CA GLY B 105 -17.48 -4.91 -9.42
C GLY B 105 -18.76 -4.87 -8.58
N SER B 106 -18.67 -4.88 -7.23
CA SER B 106 -19.86 -4.99 -6.38
C SER B 106 -19.83 -3.94 -5.26
N ASN B 107 -20.94 -3.22 -5.11
CA ASN B 107 -21.12 -2.34 -3.96
C ASN B 107 -21.67 -3.17 -2.79
N ILE B 108 -22.38 -4.28 -3.11
CA ILE B 108 -22.98 -5.16 -2.11
C ILE B 108 -21.91 -5.81 -1.23
N ASP B 109 -20.87 -6.41 -1.84
CA ASP B 109 -19.81 -7.06 -1.10
C ASP B 109 -19.02 -6.08 -0.21
N LEU B 110 -19.13 -4.77 -0.46
CA LEU B 110 -18.36 -3.80 0.30
C LEU B 110 -19.08 -3.41 1.58
N ILE B 111 -20.42 -3.52 1.61
CA ILE B 111 -21.23 -3.08 2.74
C ILE B 111 -20.74 -3.69 4.07
N PRO B 112 -20.49 -5.02 4.15
CA PRO B 112 -20.00 -5.62 5.39
C PRO B 112 -18.60 -5.16 5.77
N ILE B 113 -17.76 -4.90 4.76
CA ILE B 113 -16.39 -4.47 4.98
C ILE B 113 -16.38 -3.04 5.54
N ILE B 114 -17.09 -2.08 4.91
CA ILE B 114 -17.05 -0.70 5.36
C ILE B 114 -18.09 -0.45 6.45
N GLY B 115 -18.86 -1.49 6.81
CA GLY B 115 -19.94 -1.32 7.76
C GLY B 115 -19.73 -2.03 9.10
N LYS B 116 -18.50 -2.44 9.43
CA LYS B 116 -18.26 -3.06 10.71
C LYS B 116 -17.11 -2.38 11.45
N GLY B 117 -17.28 -2.28 12.77
CA GLY B 117 -16.27 -1.71 13.65
C GLY B 117 -16.16 -0.20 13.47
N ARG B 118 -14.92 0.31 13.58
CA ARG B 118 -14.64 1.72 13.40
C ARG B 118 -13.99 1.92 12.03
N VAL B 119 -14.59 2.82 11.24
CA VAL B 119 -14.19 3.04 9.86
C VAL B 119 -14.09 4.55 9.58
N ALA B 120 -12.95 4.98 9.02
CA ALA B 120 -12.77 6.38 8.65
C ALA B 120 -13.06 6.62 7.17
N PHE B 121 -14.02 7.51 6.90
CA PHE B 121 -14.38 7.92 5.54
C PHE B 121 -13.68 9.24 5.21
N HIS B 122 -12.74 9.22 4.27
CA HIS B 122 -11.96 10.37 3.86
C HIS B 122 -12.49 10.95 2.56
N PHE B 123 -12.42 12.28 2.44
CA PHE B 123 -12.78 12.98 1.22
C PHE B 123 -12.32 14.42 1.34
N SER B 124 -11.82 14.96 0.22
CA SER B 124 -11.39 16.34 0.12
C SER B 124 -12.09 17.00 -1.06
N VAL B 125 -12.57 18.25 -0.88
CA VAL B 125 -13.26 18.96 -1.94
C VAL B 125 -12.56 20.28 -2.27
N LEU B 126 -12.70 20.65 -3.55
CA LEU B 126 -12.20 21.89 -4.11
C LEU B 126 -13.27 22.52 -5.00
N MET B 127 -13.57 23.79 -4.70
CA MET B 127 -14.57 24.55 -5.44
C MET B 127 -14.19 24.65 -6.91
N ASP B 128 -15.15 24.36 -7.81
CA ASP B 128 -14.97 24.50 -9.25
C ASP B 128 -15.32 25.93 -9.68
N GLU B 129 -14.30 26.71 -10.04
CA GLU B 129 -14.51 28.12 -10.35
C GLU B 129 -15.12 28.26 -11.75
N TRP B 130 -15.08 27.20 -12.58
CA TRP B 130 -15.57 27.28 -13.95
C TRP B 130 -17.06 26.97 -14.08
N HIS B 131 -17.66 26.25 -13.13
CA HIS B 131 -19.09 25.99 -13.16
C HIS B 131 -19.61 26.04 -11.72
N LYS B 132 -19.92 27.26 -11.27
CA LYS B 132 -20.12 27.56 -9.85
C LYS B 132 -21.41 26.94 -9.33
N LEU B 133 -21.33 26.34 -8.13
CA LEU B 133 -22.50 25.89 -7.38
C LEU B 133 -23.34 27.10 -6.99
N ASP B 134 -24.66 26.94 -7.15
CA ASP B 134 -25.60 27.92 -6.65
C ASP B 134 -26.02 27.54 -5.24
N MET B 135 -25.56 28.33 -4.25
CA MET B 135 -25.82 28.06 -2.84
C MET B 135 -27.23 28.48 -2.41
N ILE B 136 -28.04 28.96 -3.36
CA ILE B 136 -29.48 29.09 -3.16
C ILE B 136 -30.09 27.70 -2.92
N HIS B 137 -29.53 26.67 -3.55
CA HIS B 137 -29.99 25.29 -3.42
C HIS B 137 -29.14 24.43 -2.49
N GLU B 138 -29.74 23.31 -2.05
CA GLU B 138 -29.08 22.36 -1.17
C GLU B 138 -28.35 21.33 -2.04
N HIS B 139 -27.11 21.03 -1.66
CA HIS B 139 -26.36 20.02 -2.35
C HIS B 139 -25.89 18.97 -1.34
N GLN B 140 -26.27 17.71 -1.56
CA GLN B 140 -25.74 16.61 -0.75
C GLN B 140 -24.55 16.04 -1.52
N LEU B 141 -23.37 16.09 -0.89
CA LEU B 141 -22.12 15.90 -1.62
C LEU B 141 -21.57 14.49 -1.40
N VAL B 142 -21.47 14.11 -0.12
CA VAL B 142 -20.85 12.86 0.27
C VAL B 142 -21.79 12.30 1.34
N PHE B 143 -22.03 10.98 1.33
CA PHE B 143 -22.89 10.38 2.32
C PHE B 143 -22.78 8.85 2.22
N VAL B 144 -23.15 8.15 3.32
CA VAL B 144 -23.39 6.73 3.30
C VAL B 144 -24.89 6.51 3.40
N GLU B 145 -25.45 5.75 2.45
CA GLU B 145 -26.88 5.66 2.25
C GLU B 145 -27.37 4.23 2.43
N PRO B 146 -28.01 3.90 3.59
CA PRO B 146 -28.67 2.60 3.76
C PRO B 146 -29.81 2.42 2.75
N SER B 147 -30.37 1.20 2.71
CA SER B 147 -31.51 0.81 1.87
C SER B 147 -32.64 1.82 1.90
N ASP B 148 -32.90 2.41 3.08
CA ASP B 148 -34.03 3.30 3.25
C ASP B 148 -33.80 4.70 2.68
N GLY B 149 -32.62 5.01 2.14
CA GLY B 149 -32.40 6.29 1.48
C GLY B 149 -31.98 7.41 2.44
N SER B 150 -31.92 7.13 3.74
CA SER B 150 -31.35 8.02 4.73
C SER B 150 -29.82 8.16 4.54
N HIS B 151 -29.19 9.09 5.28
CA HIS B 151 -27.74 9.23 5.26
C HIS B 151 -27.16 9.10 6.67
N VAL B 152 -26.22 8.17 6.88
CA VAL B 152 -25.61 7.99 8.18
C VAL B 152 -24.89 9.28 8.60
N PHE B 153 -24.25 9.93 7.63
CA PHE B 153 -23.71 11.27 7.72
C PHE B 153 -23.69 11.84 6.30
N THR B 154 -23.65 13.17 6.22
CA THR B 154 -23.70 13.89 4.96
C THR B 154 -22.70 15.03 5.03
N LEU B 155 -21.96 15.24 3.93
CA LEU B 155 -21.36 16.54 3.65
C LEU B 155 -22.35 17.28 2.76
N GLN B 156 -22.80 18.46 3.20
CA GLN B 156 -23.75 19.31 2.53
C GLN B 156 -23.15 20.70 2.29
N VAL B 157 -23.57 21.36 1.21
CA VAL B 157 -23.29 22.77 1.00
C VAL B 157 -24.51 23.40 0.31
N GLY B 158 -24.72 24.69 0.57
CA GLY B 158 -25.87 25.43 0.05
C GLY B 158 -27.02 25.54 1.06
N SER B 159 -28.00 26.39 0.75
CA SER B 159 -29.19 26.58 1.58
C SER B 159 -29.99 25.28 1.67
N PRO B 160 -30.18 24.69 2.87
CA PRO B 160 -31.16 23.61 3.05
C PRO B 160 -32.55 23.89 2.44
N PHE B 161 -33.03 22.90 1.69
CA PHE B 161 -34.35 22.94 1.10
C PHE B 161 -35.39 23.09 2.20
N THR B 162 -36.35 24.00 2.03
CA THR B 162 -37.51 24.02 2.92
C THR B 162 -38.77 24.28 2.10
N ASN B 163 -39.86 23.71 2.61
CA ASN B 163 -41.19 23.96 2.09
C ASN B 163 -42.04 24.48 3.24
N PRO B 164 -42.58 25.72 3.19
CA PRO B 164 -42.33 26.67 2.11
C PRO B 164 -40.92 27.25 2.04
N THR B 165 -40.62 27.90 0.92
CA THR B 165 -39.35 28.58 0.75
C THR B 165 -39.19 29.62 1.86
N GLY B 166 -37.96 29.74 2.40
CA GLY B 166 -37.65 30.76 3.38
C GLY B 166 -36.69 31.79 2.80
N PRO B 167 -36.13 32.70 3.61
CA PRO B 167 -35.15 33.66 3.10
C PRO B 167 -33.95 32.93 2.51
N LEU B 168 -33.51 33.35 1.32
CA LEU B 168 -32.42 32.70 0.62
C LEU B 168 -31.46 33.76 0.10
N PRO B 169 -30.13 33.53 0.13
CA PRO B 169 -29.54 32.30 0.65
C PRO B 169 -29.64 32.24 2.17
N ALA B 170 -29.67 31.04 2.72
CA ALA B 170 -29.63 30.86 4.17
C ALA B 170 -28.31 31.41 4.72
N PRO B 171 -28.24 31.77 6.02
CA PRO B 171 -26.96 32.14 6.62
C PRO B 171 -25.94 31.02 6.43
N ARG B 172 -24.73 31.35 6.00
CA ARG B 172 -23.65 30.36 5.91
C ARG B 172 -24.01 29.30 4.86
N ALA B 173 -24.80 29.70 3.84
CA ALA B 173 -25.13 28.84 2.72
C ALA B 173 -23.86 28.28 2.11
N ASP B 174 -22.80 29.09 2.02
CA ASP B 174 -21.59 28.67 1.35
C ASP B 174 -20.61 28.05 2.33
N TRP B 175 -21.10 27.56 3.48
CA TRP B 175 -20.30 26.73 4.37
C TRP B 175 -20.58 25.25 4.12
N LEU B 176 -19.48 24.48 4.05
CA LEU B 176 -19.52 23.02 4.07
C LEU B 176 -19.95 22.61 5.47
N LYS B 177 -20.85 21.61 5.53
CA LYS B 177 -21.46 21.18 6.78
C LYS B 177 -21.42 19.66 6.82
N ILE B 178 -20.98 19.11 7.96
CA ILE B 178 -21.15 17.69 8.21
C ILE B 178 -22.38 17.51 9.08
N LEU B 179 -23.30 16.63 8.62
CA LEU B 179 -24.54 16.34 9.33
C LEU B 179 -24.52 14.91 9.84
N ASN B 180 -25.23 14.67 10.95
CA ASN B 180 -25.45 13.32 11.40
C ASN B 180 -26.71 12.80 10.72
N HIS B 181 -27.13 11.59 11.07
CA HIS B 181 -28.22 10.93 10.35
C HIS B 181 -29.56 11.64 10.58
N ASN B 182 -29.65 12.40 11.69
CA ASN B 182 -30.83 13.17 12.05
C ASN B 182 -30.76 14.61 11.50
N LEU B 183 -29.74 14.90 10.68
CA LEU B 183 -29.55 16.17 9.98
C LEU B 183 -29.08 17.29 10.92
N ASP B 184 -28.64 16.93 12.13
CA ASP B 184 -27.99 17.90 13.02
C ASP B 184 -26.65 18.30 12.42
N VAL B 185 -26.36 19.60 12.51
CA VAL B 185 -25.11 20.16 12.02
C VAL B 185 -24.03 19.88 13.06
N LEU B 186 -23.01 19.09 12.71
CA LEU B 186 -21.97 18.73 13.68
C LEU B 186 -20.79 19.68 13.58
N PHE B 187 -20.51 20.12 12.35
CA PHE B 187 -19.37 20.95 12.06
C PHE B 187 -19.64 21.68 10.75
N GLU B 188 -19.23 22.96 10.68
CA GLU B 188 -19.40 23.71 9.44
C GLU B 188 -18.22 24.66 9.29
N THR B 189 -17.85 24.95 8.04
CA THR B 189 -16.67 25.72 7.70
C THR B 189 -16.87 26.31 6.30
N GLU B 190 -16.44 27.56 6.12
CA GLU B 190 -16.61 28.29 4.86
C GLU B 190 -15.98 27.48 3.71
N PHE B 191 -16.72 27.35 2.62
CA PHE B 191 -16.20 26.76 1.39
C PHE B 191 -15.34 27.77 0.60
N THR B 192 -14.18 28.09 1.16
CA THR B 192 -13.21 28.99 0.55
C THR B 192 -12.69 28.39 -0.75
N ASP B 193 -12.48 29.26 -1.75
CA ASP B 193 -12.07 28.79 -3.07
C ASP B 193 -10.58 28.48 -3.03
N GLU B 194 -10.15 27.75 -4.06
CA GLU B 194 -8.73 27.48 -4.31
C GLU B 194 -8.09 26.82 -3.09
N THR B 195 -8.87 25.99 -2.38
CA THR B 195 -8.46 25.38 -1.11
C THR B 195 -8.99 23.94 -1.09
N TRP B 196 -8.11 22.97 -0.83
CA TRP B 196 -8.52 21.61 -0.57
C TRP B 196 -9.00 21.49 0.86
N HIS B 197 -10.32 21.25 0.97
CA HIS B 197 -11.00 21.03 2.22
C HIS B 197 -11.02 19.53 2.48
N ASN B 198 -10.19 19.12 3.43
CA ASN B 198 -9.91 17.73 3.73
C ASN B 198 -10.75 17.32 4.92
N PHE B 199 -11.43 16.17 4.79
CA PHE B 199 -12.29 15.66 5.85
C PHE B 199 -11.99 14.19 6.10
N ALA B 200 -12.20 13.79 7.36
CA ALA B 200 -12.46 12.39 7.68
C ALA B 200 -13.59 12.31 8.70
N VAL B 201 -14.54 11.43 8.44
CA VAL B 201 -15.60 11.14 9.36
C VAL B 201 -15.40 9.71 9.86
N ILE B 202 -15.21 9.56 11.18
CA ILE B 202 -15.10 8.23 11.76
C ILE B 202 -16.48 7.76 12.17
N VAL B 203 -16.92 6.66 11.56
CA VAL B 203 -18.14 5.98 11.94
C VAL B 203 -17.78 4.78 12.82
N ASP B 204 -18.21 4.79 14.08
CA ASP B 204 -18.16 3.59 14.92
C ASP B 204 -19.48 2.87 14.76
N TRP B 205 -19.48 1.81 13.97
CA TRP B 205 -20.70 1.07 13.65
C TRP B 205 -21.30 0.31 14.86
N GLU B 206 -20.50 -0.01 15.88
CA GLU B 206 -21.01 -0.74 17.03
C GLU B 206 -21.70 0.23 17.99
N LYS B 207 -21.07 1.38 18.26
CA LYS B 207 -21.60 2.36 19.21
C LYS B 207 -22.52 3.38 18.53
N ARG B 208 -22.56 3.39 17.18
CA ARG B 208 -23.28 4.39 16.39
C ARG B 208 -22.87 5.79 16.85
N THR B 209 -21.56 6.10 16.66
CA THR B 209 -21.03 7.42 16.90
C THR B 209 -20.46 7.98 15.60
N LEU B 210 -20.25 9.30 15.59
CA LEU B 210 -19.52 10.01 14.54
C LEU B 210 -18.45 10.87 15.17
N GLN B 211 -17.30 10.99 14.48
CA GLN B 211 -16.35 12.05 14.81
C GLN B 211 -15.81 12.68 13.53
N VAL B 212 -15.73 14.01 13.52
CA VAL B 212 -15.33 14.77 12.35
C VAL B 212 -13.89 15.27 12.54
N TRP B 213 -13.08 15.07 11.51
CA TRP B 213 -11.74 15.59 11.37
C TRP B 213 -11.66 16.49 10.13
N TYR B 214 -10.88 17.57 10.20
CA TYR B 214 -10.83 18.50 9.10
C TYR B 214 -9.46 19.19 9.07
N SER B 215 -9.03 19.55 7.86
CA SER B 215 -7.92 20.47 7.67
C SER B 215 -8.04 21.08 6.28
N GLN B 216 -7.10 21.99 5.97
CA GLN B 216 -6.97 22.60 4.66
C GLN B 216 -5.61 22.29 4.06
N ASN B 217 -5.59 22.01 2.76
CA ASN B 217 -4.39 21.91 1.96
C ASN B 217 -3.46 20.85 2.55
N GLU B 218 -2.21 21.22 2.84
CA GLU B 218 -1.20 20.28 3.28
C GLU B 218 -1.23 20.06 4.79
N ASN B 219 -2.13 20.73 5.51
CA ASN B 219 -2.21 20.61 6.96
C ASN B 219 -2.79 19.25 7.34
N ASN B 220 -2.23 18.61 8.38
CA ASN B 220 -2.73 17.36 8.90
C ASN B 220 -4.17 17.53 9.40
N LEU B 221 -4.99 16.48 9.23
CA LEU B 221 -6.34 16.43 9.79
C LEU B 221 -6.24 16.59 11.32
N VAL B 222 -7.13 17.45 11.88
CA VAL B 222 -7.35 17.58 13.31
C VAL B 222 -8.81 17.29 13.60
N TRP B 223 -9.08 16.86 14.83
CA TRP B 223 -10.45 16.58 15.24
C TRP B 223 -11.17 17.88 15.56
N VAL B 224 -12.40 18.02 15.03
CA VAL B 224 -13.18 19.24 15.17
C VAL B 224 -14.54 18.96 15.81
N THR B 225 -14.82 17.70 16.15
CA THR B 225 -15.87 17.31 17.09
C THR B 225 -15.30 16.26 18.03
N PRO B 226 -15.85 16.12 19.26
CA PRO B 226 -15.64 14.90 20.03
C PRO B 226 -16.32 13.73 19.33
N VAL B 227 -16.29 12.56 19.97
CA VAL B 227 -17.06 11.41 19.50
C VAL B 227 -18.52 11.68 19.86
N LEU B 228 -19.43 11.60 18.88
CA LEU B 228 -20.79 12.05 19.08
C LEU B 228 -21.79 10.91 18.83
N PRO B 229 -22.83 10.73 19.66
CA PRO B 229 -23.90 9.78 19.37
C PRO B 229 -24.61 10.04 18.05
N ASN B 230 -24.96 8.95 17.34
CA ASN B 230 -25.64 9.01 16.05
C ASN B 230 -26.79 8.02 16.08
N GLU B 231 -27.65 8.16 17.08
CA GLU B 231 -28.52 7.08 17.53
C GLU B 231 -29.81 6.96 16.71
N THR B 232 -30.07 7.87 15.76
CA THR B 232 -31.22 7.71 14.87
C THR B 232 -30.94 6.66 13.78
N VAL B 233 -29.67 6.26 13.63
CA VAL B 233 -29.27 5.20 12.72
C VAL B 233 -29.95 3.91 13.16
N LYS B 234 -30.34 3.10 12.18
CA LYS B 234 -31.10 1.90 12.47
C LYS B 234 -30.14 0.81 12.92
N ARG B 235 -30.62 -0.02 13.84
CA ARG B 235 -29.90 -1.19 14.31
C ARG B 235 -29.69 -2.15 13.16
N GLY B 236 -28.59 -2.88 13.19
CA GLY B 236 -28.41 -4.04 12.33
C GLY B 236 -27.96 -3.63 10.93
N THR B 237 -28.26 -4.49 9.96
CA THR B 237 -27.85 -4.28 8.58
C THR B 237 -28.63 -3.12 7.93
N ALA B 238 -29.79 -2.76 8.48
CA ALA B 238 -30.60 -1.66 7.96
C ALA B 238 -29.90 -0.32 8.19
N GLY B 239 -28.86 -0.31 9.05
CA GLY B 239 -28.16 0.92 9.38
C GLY B 239 -26.98 1.17 8.45
N ARG B 240 -26.58 0.13 7.70
CA ARG B 240 -25.45 0.17 6.80
C ARG B 240 -25.89 0.47 5.36
N GLY B 241 -24.92 0.75 4.50
CA GLY B 241 -25.21 1.11 3.12
C GLY B 241 -23.97 1.52 2.36
N ASP B 242 -24.20 2.13 1.20
CA ASP B 242 -23.19 2.46 0.19
C ASP B 242 -22.61 3.86 0.44
N PHE B 243 -21.36 4.02 0.04
CA PHE B 243 -20.65 5.27 0.14
C PHE B 243 -20.78 6.01 -1.19
N HIS B 244 -21.46 7.18 -1.20
CA HIS B 244 -21.59 8.00 -2.39
C HIS B 244 -20.79 9.30 -2.30
N PHE B 245 -20.25 9.75 -3.42
CA PHE B 245 -19.76 11.11 -3.48
C PHE B 245 -19.99 11.67 -4.88
N GLY B 246 -20.24 12.98 -4.90
CA GLY B 246 -20.56 13.71 -6.11
C GLY B 246 -21.38 14.95 -5.77
N ILE B 247 -22.51 15.11 -6.46
CA ILE B 247 -23.45 16.21 -6.24
C ILE B 247 -24.88 15.64 -6.35
N LEU B 248 -25.66 15.73 -5.27
CA LEU B 248 -27.11 15.58 -5.35
C LEU B 248 -27.75 16.93 -5.00
N LYS B 249 -28.23 17.63 -6.04
CA LYS B 249 -28.78 18.96 -5.87
C LYS B 249 -30.30 18.88 -5.75
N LEU B 250 -30.82 19.41 -4.62
CA LEU B 250 -32.26 19.50 -4.41
C LEU B 250 -32.82 20.73 -5.11
N PRO B 251 -34.16 20.74 -5.34
CA PRO B 251 -34.82 21.84 -6.02
C PRO B 251 -35.21 22.92 -5.02
N LEU B 252 -35.87 23.96 -5.50
CA LEU B 252 -36.69 24.79 -4.63
C LEU B 252 -38.15 24.44 -4.93
N VAL B 253 -39.02 24.75 -3.98
CA VAL B 253 -40.46 24.67 -4.14
C VAL B 253 -40.89 25.54 -5.32
N ASN B 254 -41.74 24.96 -6.16
CA ASN B 254 -42.46 25.68 -7.20
C ASN B 254 -43.92 25.77 -6.76
N VAL B 255 -44.34 26.99 -6.34
CA VAL B 255 -45.68 27.26 -5.83
C VAL B 255 -46.75 27.08 -6.91
N ALA B 256 -46.37 26.92 -8.18
CA ALA B 256 -47.36 26.52 -9.18
C ALA B 256 -47.74 25.05 -9.00
N ASP B 257 -46.90 24.26 -8.31
CA ASP B 257 -47.25 22.86 -8.04
C ASP B 257 -48.31 22.84 -6.95
N PRO B 258 -49.22 21.86 -6.93
CA PRO B 258 -50.15 21.71 -5.82
C PRO B 258 -49.43 21.42 -4.50
N PRO B 259 -49.96 21.94 -3.38
CA PRO B 259 -49.44 21.64 -2.04
C PRO B 259 -49.11 20.18 -1.74
N GLU B 260 -49.87 19.25 -2.33
CA GLU B 260 -49.73 17.84 -2.03
C GLU B 260 -48.44 17.23 -2.59
N VAL B 261 -47.77 17.91 -3.55
CA VAL B 261 -46.57 17.34 -4.15
C VAL B 261 -45.31 18.16 -3.84
N ARG B 262 -45.43 19.37 -3.26
CA ARG B 262 -44.27 20.23 -3.06
C ARG B 262 -43.16 19.58 -2.21
N ASP B 263 -43.54 18.70 -1.27
CA ASP B 263 -42.58 18.04 -0.41
C ASP B 263 -41.79 16.99 -1.19
N ASP B 264 -42.32 16.54 -2.34
CA ASP B 264 -41.72 15.45 -3.11
C ASP B 264 -40.61 16.00 -4.01
N VAL B 265 -39.45 16.26 -3.39
CA VAL B 265 -38.30 16.86 -4.04
C VAL B 265 -37.69 15.90 -5.04
N VAL B 266 -38.04 14.60 -4.97
CA VAL B 266 -37.51 13.62 -5.90
C VAL B 266 -38.09 13.95 -7.28
N HIS B 267 -39.34 14.41 -7.33
CA HIS B 267 -40.02 14.57 -8.60
C HIS B 267 -40.46 16.00 -8.89
N TYR B 268 -40.55 16.89 -7.89
CA TYR B 268 -41.09 18.23 -8.12
C TYR B 268 -40.10 19.29 -7.61
N GLY B 269 -40.19 20.47 -8.23
CA GLY B 269 -39.52 21.68 -7.77
C GLY B 269 -38.74 22.34 -8.90
N ILE B 270 -38.28 23.56 -8.63
CA ILE B 270 -37.52 24.37 -9.58
C ILE B 270 -36.09 23.81 -9.66
N GLN B 271 -35.68 23.41 -10.87
CA GLN B 271 -34.30 23.14 -11.22
C GLN B 271 -33.96 23.91 -12.49
N PRO B 272 -33.03 24.88 -12.43
CA PRO B 272 -32.62 25.60 -13.62
C PRO B 272 -31.77 24.70 -14.52
N PRO B 273 -31.77 24.88 -15.85
CA PRO B 273 -30.97 24.04 -16.74
C PRO B 273 -29.49 24.40 -16.81
N THR B 274 -28.84 24.62 -15.66
CA THR B 274 -27.47 25.12 -15.60
C THR B 274 -26.51 23.98 -15.20
N THR B 275 -25.22 24.20 -15.49
CA THR B 275 -24.18 23.23 -15.21
C THR B 275 -23.42 23.69 -13.97
N HIS B 276 -23.00 22.74 -13.11
CA HIS B 276 -22.33 23.04 -11.86
C HIS B 276 -21.40 21.88 -11.50
N GLY B 277 -20.25 22.22 -10.89
CA GLY B 277 -19.26 21.21 -10.62
C GLY B 277 -18.69 21.33 -9.22
N ILE B 278 -18.00 20.26 -8.79
CA ILE B 278 -17.14 20.26 -7.62
C ILE B 278 -15.97 19.30 -7.92
N MET B 279 -14.80 19.60 -7.34
CA MET B 279 -13.68 18.69 -7.52
C MET B 279 -13.46 17.86 -6.25
N TYR B 280 -13.06 16.60 -6.47
CA TYR B 280 -12.75 15.66 -5.41
C TYR B 280 -11.32 15.15 -5.54
N SER B 281 -10.71 14.87 -4.38
CA SER B 281 -9.50 14.08 -4.28
C SER B 281 -9.42 13.48 -2.88
N GLY B 282 -8.49 12.57 -2.69
CA GLY B 282 -8.26 12.00 -1.38
C GLY B 282 -9.50 11.31 -0.83
N VAL B 283 -10.33 10.70 -1.70
CA VAL B 283 -11.51 9.98 -1.22
C VAL B 283 -11.17 8.51 -1.04
N PHE B 284 -11.21 7.99 0.20
CA PHE B 284 -10.91 6.59 0.47
C PHE B 284 -11.47 6.26 1.84
N ILE B 285 -11.49 4.96 2.14
CA ILE B 285 -11.99 4.44 3.40
C ILE B 285 -10.95 3.49 4.02
N GLU B 286 -10.72 3.64 5.34
CA GLU B 286 -9.76 2.83 6.08
C GLU B 286 -10.38 2.43 7.40
N ASP B 287 -9.88 1.33 7.98
CA ASP B 287 -10.17 1.00 9.37
C ASP B 287 -9.22 1.83 10.22
N LEU B 288 -9.25 1.63 11.56
CA LEU B 288 -8.43 2.42 12.45
C LEU B 288 -7.36 1.57 13.14
N GLU B 289 -6.87 0.54 12.46
CA GLU B 289 -5.68 -0.16 12.94
C GLU B 289 -4.51 0.82 13.07
N ASP B 290 -3.86 0.79 14.25
CA ASP B 290 -2.75 1.65 14.62
C ASP B 290 -3.23 3.10 14.77
N GLY B 291 -3.95 3.62 13.77
CA GLY B 291 -4.64 4.89 13.96
C GLY B 291 -5.26 5.43 12.67
N LEU B 292 -5.64 6.71 12.73
CA LEU B 292 -6.20 7.41 11.58
C LEU B 292 -5.07 8.00 10.75
N SER B 293 -5.18 7.86 9.43
CA SER B 293 -4.32 8.57 8.49
C SER B 293 -4.67 10.05 8.50
N VAL B 294 -3.79 10.90 9.06
CA VAL B 294 -4.05 12.34 9.16
C VAL B 294 -3.38 13.12 8.03
N GLY B 295 -2.64 12.43 7.13
CA GLY B 295 -1.95 13.06 6.02
C GLY B 295 -0.44 13.10 6.24
N ASN B 296 0.31 13.26 5.15
CA ASN B 296 1.72 13.57 5.28
C ASN B 296 2.47 12.37 5.88
N LYS B 297 1.97 11.16 5.65
CA LYS B 297 2.62 9.95 6.16
C LYS B 297 2.57 9.83 7.68
N PHE B 298 1.55 10.43 8.31
CA PHE B 298 1.41 10.35 9.74
C PHE B 298 0.12 9.61 10.09
N ILE B 299 0.18 8.80 11.16
CA ILE B 299 -1.01 8.19 11.74
C ILE B 299 -1.19 8.76 13.15
N GLN B 300 -2.46 8.88 13.57
CA GLN B 300 -2.80 9.39 14.89
C GLN B 300 -3.71 8.38 15.57
N GLU B 301 -3.30 7.99 16.78
CA GLU B 301 -4.04 7.04 17.59
C GLU B 301 -5.36 7.70 17.98
N VAL B 302 -6.48 6.96 17.83
CA VAL B 302 -7.80 7.49 18.15
C VAL B 302 -8.36 6.68 19.31
#